data_5GVO
#
_entry.id   5GVO
#
_entity_poly.entity_id   1
_entity_poly.type   'polypeptide(L)'
_entity_poly.pdbx_seq_one_letter_code
;GLPIGWWIERPSGWYFPI
;
_entity_poly.pdbx_strand_id   A
#
# COMPACT_ATOMS: atom_id res chain seq x y z
N GLY A 1 -2.42 -0.90 2.85
CA GLY A 1 -3.83 -0.75 3.17
C GLY A 1 -4.73 -1.01 1.98
N LEU A 2 -4.37 -0.47 0.82
CA LEU A 2 -5.15 -0.63 -0.40
C LEU A 2 -4.25 -1.09 -1.55
N PRO A 3 -4.61 -2.18 -2.24
CA PRO A 3 -3.83 -2.71 -3.36
C PRO A 3 -3.30 -1.62 -4.29
N ILE A 4 -4.04 -0.53 -4.40
CA ILE A 4 -3.64 0.59 -5.24
C ILE A 4 -2.81 1.59 -4.47
N GLY A 5 -1.92 2.28 -5.17
CA GLY A 5 -1.07 3.26 -4.51
C GLY A 5 0.34 3.29 -5.07
N TRP A 6 1.28 2.72 -4.32
CA TRP A 6 2.68 2.69 -4.73
C TRP A 6 3.30 1.31 -4.53
N TRP A 7 3.38 0.87 -3.28
CA TRP A 7 3.97 -0.42 -2.96
C TRP A 7 3.17 -1.15 -1.87
N ILE A 8 3.60 -2.36 -1.55
CA ILE A 8 2.94 -3.18 -0.55
C ILE A 8 2.95 -2.51 0.82
N GLU A 9 1.99 -2.88 1.66
CA GLU A 9 1.86 -2.34 3.00
C GLU A 9 2.49 -3.27 4.03
N ARG A 10 2.35 -2.90 5.30
CA ARG A 10 2.89 -3.68 6.39
C ARG A 10 1.88 -4.73 6.87
N PRO A 11 0.67 -4.30 7.27
CA PRO A 11 -0.37 -5.22 7.75
C PRO A 11 -1.00 -6.01 6.61
N SER A 12 -1.32 -5.33 5.52
CA SER A 12 -1.92 -5.96 4.35
C SER A 12 -2.25 -4.94 3.28
N GLY A 13 -2.21 -5.38 2.01
CA GLY A 13 -2.49 -4.49 0.91
C GLY A 13 -1.31 -3.64 0.51
N TRP A 14 -1.58 -2.54 -0.20
CA TRP A 14 -0.53 -1.63 -0.65
C TRP A 14 -0.76 -0.24 -0.07
N TYR A 15 0.22 0.65 -0.21
CA TYR A 15 0.09 2.02 0.30
C TYR A 15 0.43 3.03 -0.78
N PHE A 16 0.18 4.31 -0.50
CA PHE A 16 0.45 5.37 -1.45
C PHE A 16 1.86 5.92 -1.27
N PRO A 17 2.44 6.52 -2.32
CA PRO A 17 3.79 7.09 -2.28
C PRO A 17 3.81 8.51 -1.73
N ILE A 18 3.17 8.70 -0.58
CA ILE A 18 3.13 10.02 0.05
C ILE A 18 3.20 9.91 1.57
N GLY A 1 -2.62 -1.01 2.95
CA GLY A 1 -4.04 -0.99 3.27
C GLY A 1 -4.91 -1.22 2.04
N LEU A 2 -4.53 -0.61 0.93
CA LEU A 2 -5.28 -0.75 -0.31
C LEU A 2 -4.35 -1.14 -1.46
N PRO A 3 -4.70 -2.20 -2.23
CA PRO A 3 -3.88 -2.66 -3.36
C PRO A 3 -3.41 -1.52 -4.25
N ILE A 4 -4.17 -0.44 -4.27
CA ILE A 4 -3.81 0.72 -5.08
C ILE A 4 -2.75 1.55 -4.37
N GLY A 5 -1.91 2.22 -5.16
CA GLY A 5 -0.85 3.03 -4.60
C GLY A 5 0.45 2.89 -5.37
N TRP A 6 1.52 2.56 -4.65
CA TRP A 6 2.83 2.39 -5.28
C TRP A 6 3.48 1.07 -4.88
N TRP A 7 3.42 0.75 -3.59
CA TRP A 7 4.02 -0.49 -3.10
C TRP A 7 3.15 -1.16 -2.05
N ILE A 8 3.61 -2.32 -1.60
CA ILE A 8 2.89 -3.09 -0.59
C ILE A 8 2.86 -2.39 0.75
N GLU A 9 1.88 -2.77 1.58
CA GLU A 9 1.71 -2.20 2.92
C GLU A 9 2.43 -3.02 3.96
N ARG A 10 2.26 -2.63 5.21
CA ARG A 10 2.89 -3.33 6.33
C ARG A 10 1.98 -4.45 6.85
N PRO A 11 0.73 -4.13 7.21
CA PRO A 11 -0.21 -5.13 7.72
C PRO A 11 -0.86 -5.93 6.59
N SER A 12 -1.21 -5.25 5.51
CA SER A 12 -1.85 -5.90 4.36
C SER A 12 -2.15 -4.88 3.26
N GLY A 13 -2.21 -5.37 2.02
CA GLY A 13 -2.50 -4.50 0.90
C GLY A 13 -1.31 -3.66 0.48
N TRP A 14 -1.56 -2.55 -0.20
CA TRP A 14 -0.50 -1.66 -0.65
C TRP A 14 -0.69 -0.27 -0.06
N TYR A 15 0.18 0.67 -0.42
CA TYR A 15 0.09 2.04 0.10
C TYR A 15 0.44 3.08 -0.96
N PHE A 16 0.16 4.34 -0.65
CA PHE A 16 0.44 5.44 -1.56
C PHE A 16 1.53 6.36 -1.00
N PRO A 17 2.80 6.15 -1.40
CA PRO A 17 3.92 6.97 -0.92
C PRO A 17 3.87 8.40 -1.45
N ILE A 18 4.94 9.15 -1.21
CA ILE A 18 5.02 10.53 -1.67
C ILE A 18 6.37 10.82 -2.32
N GLY A 1 -2.60 -1.11 2.95
CA GLY A 1 -4.04 -1.06 3.20
C GLY A 1 -4.86 -1.09 1.91
N LEU A 2 -4.40 -0.35 0.91
CA LEU A 2 -5.10 -0.28 -0.37
C LEU A 2 -4.23 -0.84 -1.49
N PRO A 3 -4.63 -2.00 -2.07
CA PRO A 3 -3.88 -2.64 -3.16
C PRO A 3 -3.34 -1.64 -4.18
N ILE A 4 -4.04 -0.54 -4.37
CA ILE A 4 -3.61 0.49 -5.32
C ILE A 4 -2.77 1.54 -4.62
N GLY A 5 -1.81 2.11 -5.35
CA GLY A 5 -0.95 3.12 -4.77
C GLY A 5 0.47 3.08 -5.31
N TRP A 6 1.40 2.58 -4.49
CA TRP A 6 2.80 2.50 -4.90
C TRP A 6 3.38 1.11 -4.66
N TRP A 7 3.44 0.70 -3.39
CA TRP A 7 3.99 -0.60 -3.04
C TRP A 7 3.15 -1.29 -1.97
N ILE A 8 3.49 -2.54 -1.67
CA ILE A 8 2.77 -3.31 -0.68
C ILE A 8 2.77 -2.62 0.68
N GLU A 9 1.77 -2.93 1.48
CA GLU A 9 1.64 -2.34 2.81
C GLU A 9 2.36 -3.20 3.85
N ARG A 10 2.31 -2.75 5.10
CA ARG A 10 2.97 -3.47 6.19
C ARG A 10 2.01 -4.49 6.81
N PRO A 11 0.77 -4.09 7.15
CA PRO A 11 -0.20 -5.00 7.74
C PRO A 11 -0.91 -5.84 6.69
N SER A 12 -1.20 -5.23 5.55
CA SER A 12 -1.88 -5.92 4.45
C SER A 12 -2.26 -4.95 3.34
N GLY A 13 -2.19 -5.43 2.10
CA GLY A 13 -2.52 -4.60 0.96
C GLY A 13 -1.34 -3.80 0.45
N TRP A 14 -1.61 -2.59 -0.07
CA TRP A 14 -0.58 -1.73 -0.59
C TRP A 14 -0.67 -0.34 0.03
N TYR A 15 0.26 0.56 -0.31
CA TYR A 15 0.24 1.91 0.24
C TYR A 15 0.50 2.95 -0.85
N PHE A 16 0.39 4.22 -0.47
CA PHE A 16 0.61 5.32 -1.41
C PHE A 16 1.87 6.10 -1.02
N PRO A 17 2.46 6.83 -1.98
CA PRO A 17 3.67 7.62 -1.74
C PRO A 17 3.39 8.86 -0.89
N ILE A 18 4.27 9.11 0.09
CA ILE A 18 4.12 10.25 0.98
C ILE A 18 4.62 11.53 0.31
N GLY A 1 -2.64 -0.94 2.88
CA GLY A 1 -4.06 -0.94 3.16
C GLY A 1 -4.87 -1.51 2.00
N LEU A 2 -4.71 -0.92 0.82
CA LEU A 2 -5.43 -1.37 -0.36
C LEU A 2 -4.45 -1.63 -1.51
N PRO A 3 -4.63 -2.76 -2.24
CA PRO A 3 -3.75 -3.13 -3.36
C PRO A 3 -3.38 -1.95 -4.25
N ILE A 4 -4.25 -0.96 -4.33
CA ILE A 4 -3.99 0.20 -5.16
C ILE A 4 -3.04 1.17 -4.46
N GLY A 5 -2.24 1.88 -5.25
CA GLY A 5 -1.29 2.82 -4.69
C GLY A 5 0.04 2.81 -5.41
N TRP A 6 1.13 2.73 -4.66
CA TRP A 6 2.46 2.72 -5.24
C TRP A 6 3.18 1.39 -4.99
N TRP A 7 3.15 0.93 -3.74
CA TRP A 7 3.81 -0.33 -3.39
C TRP A 7 3.03 -1.05 -2.29
N ILE A 8 3.53 -2.22 -1.91
CA ILE A 8 2.88 -3.03 -0.88
C ILE A 8 2.78 -2.27 0.44
N GLU A 9 1.85 -2.70 1.29
CA GLU A 9 1.64 -2.07 2.58
C GLU A 9 2.33 -2.86 3.69
N ARG A 10 2.24 -2.35 4.91
CA ARG A 10 2.87 -3.01 6.06
C ARG A 10 1.90 -3.99 6.71
N PRO A 11 0.66 -3.57 7.01
CA PRO A 11 -0.34 -4.43 7.63
C PRO A 11 -1.03 -5.35 6.63
N SER A 12 -1.40 -4.78 5.49
CA SER A 12 -2.07 -5.54 4.44
C SER A 12 -2.34 -4.68 3.21
N GLY A 13 -2.23 -5.28 2.03
CA GLY A 13 -2.47 -4.56 0.80
C GLY A 13 -1.27 -3.75 0.35
N TRP A 14 -1.53 -2.57 -0.22
CA TRP A 14 -0.47 -1.69 -0.69
C TRP A 14 -0.57 -0.33 0.01
N TYR A 15 0.40 0.55 -0.25
CA TYR A 15 0.40 1.88 0.38
C TYR A 15 0.71 2.96 -0.64
N PHE A 16 0.87 4.19 -0.15
CA PHE A 16 1.16 5.34 -1.02
C PHE A 16 2.17 6.26 -0.35
N PRO A 17 3.46 6.18 -0.73
CA PRO A 17 4.51 7.02 -0.16
C PRO A 17 4.48 8.43 -0.73
N ILE A 18 4.13 9.40 0.13
CA ILE A 18 4.06 10.79 -0.28
C ILE A 18 5.39 11.50 -0.07
N GLY A 1 -2.47 -0.93 2.93
CA GLY A 1 -3.88 -0.80 3.28
C GLY A 1 -4.78 -0.88 2.07
N LEU A 2 -4.31 -0.38 0.93
CA LEU A 2 -5.08 -0.40 -0.30
C LEU A 2 -4.24 -0.94 -1.46
N PRO A 3 -4.70 -2.03 -2.12
CA PRO A 3 -3.98 -2.64 -3.24
C PRO A 3 -3.40 -1.60 -4.20
N ILE A 4 -4.06 -0.46 -4.32
CA ILE A 4 -3.60 0.60 -5.20
C ILE A 4 -2.68 1.56 -4.45
N GLY A 5 -1.75 2.17 -5.19
CA GLY A 5 -0.82 3.11 -4.57
C GLY A 5 0.54 3.09 -5.22
N TRP A 6 1.55 2.61 -4.49
CA TRP A 6 2.91 2.55 -5.01
C TRP A 6 3.60 1.24 -4.63
N TRP A 7 3.47 0.84 -3.37
CA TRP A 7 4.09 -0.40 -2.92
C TRP A 7 3.26 -1.09 -1.84
N ILE A 8 3.58 -2.35 -1.58
CA ILE A 8 2.86 -3.14 -0.58
C ILE A 8 2.90 -2.47 0.80
N GLU A 9 1.93 -2.86 1.64
CA GLU A 9 1.83 -2.33 2.99
C GLU A 9 2.50 -3.27 3.99
N ARG A 10 2.37 -2.91 5.26
CA ARG A 10 2.96 -3.71 6.33
C ARG A 10 1.97 -4.79 6.80
N PRO A 11 0.76 -4.38 7.23
CA PRO A 11 -0.25 -5.33 7.70
C PRO A 11 -0.89 -6.10 6.55
N SER A 12 -1.43 -5.37 5.58
CA SER A 12 -2.07 -5.98 4.41
C SER A 12 -2.35 -4.94 3.33
N GLY A 13 -2.33 -5.39 2.08
CA GLY A 13 -2.60 -4.50 0.96
C GLY A 13 -1.39 -3.67 0.56
N TRP A 14 -1.63 -2.60 -0.19
CA TRP A 14 -0.56 -1.72 -0.65
C TRP A 14 -0.76 -0.31 -0.06
N TYR A 15 0.18 0.59 -0.34
CA TYR A 15 0.09 1.95 0.16
C TYR A 15 0.41 2.97 -0.93
N PHE A 16 0.12 4.25 -0.64
CA PHE A 16 0.38 5.31 -1.59
C PHE A 16 1.68 6.05 -1.25
N PRO A 17 2.34 6.64 -2.27
CA PRO A 17 3.60 7.37 -2.08
C PRO A 17 3.37 8.74 -1.45
N ILE A 18 3.95 8.96 -0.27
CA ILE A 18 3.81 10.22 0.43
C ILE A 18 5.05 11.10 0.24
N GLY A 1 -2.49 -0.96 2.87
CA GLY A 1 -3.90 -0.86 3.18
C GLY A 1 -4.79 -1.04 1.95
N LEU A 2 -4.38 -0.44 0.84
CA LEU A 2 -5.13 -0.52 -0.41
C LEU A 2 -4.26 -1.04 -1.54
N PRO A 3 -4.64 -2.14 -2.19
CA PRO A 3 -3.87 -2.73 -3.30
C PRO A 3 -3.31 -1.69 -4.26
N ILE A 4 -4.02 -0.58 -4.41
CA ILE A 4 -3.60 0.49 -5.29
C ILE A 4 -2.77 1.53 -4.54
N GLY A 5 -1.85 2.18 -5.23
CA GLY A 5 -1.03 3.20 -4.60
C GLY A 5 0.39 3.22 -5.14
N TRP A 6 1.33 2.73 -4.33
CA TRP A 6 2.74 2.70 -4.73
C TRP A 6 3.31 1.29 -4.60
N TRP A 7 3.37 0.77 -3.38
CA TRP A 7 3.91 -0.56 -3.14
C TRP A 7 3.14 -1.25 -2.02
N ILE A 8 3.55 -2.48 -1.72
CA ILE A 8 2.92 -3.27 -0.67
C ILE A 8 2.88 -2.54 0.66
N GLU A 9 1.95 -2.96 1.52
CA GLU A 9 1.79 -2.37 2.84
C GLU A 9 2.46 -3.23 3.90
N ARG A 10 2.37 -2.78 5.15
CA ARG A 10 2.96 -3.51 6.27
C ARG A 10 1.97 -4.52 6.84
N PRO A 11 0.74 -4.08 7.17
CA PRO A 11 -0.28 -4.96 7.73
C PRO A 11 -0.98 -5.77 6.65
N SER A 12 -1.33 -5.12 5.55
CA SER A 12 -2.01 -5.78 4.44
C SER A 12 -2.26 -4.82 3.29
N GLY A 13 -2.33 -5.36 2.07
CA GLY A 13 -2.57 -4.54 0.89
C GLY A 13 -1.35 -3.73 0.48
N TRP A 14 -1.60 -2.59 -0.18
CA TRP A 14 -0.52 -1.72 -0.63
C TRP A 14 -0.67 -0.33 -0.01
N TYR A 15 0.34 0.53 -0.20
CA TYR A 15 0.30 1.87 0.36
C TYR A 15 0.60 2.93 -0.72
N PHE A 16 0.25 4.17 -0.44
CA PHE A 16 0.48 5.26 -1.37
C PHE A 16 1.84 5.91 -1.11
N PRO A 17 2.36 6.67 -2.09
CA PRO A 17 3.65 7.34 -1.97
C PRO A 17 3.62 8.50 -0.98
N ILE A 18 3.48 8.17 0.30
CA ILE A 18 3.43 9.19 1.34
C ILE A 18 4.83 9.61 1.77
N GLY A 1 -2.53 -0.99 3.02
CA GLY A 1 -3.95 -0.96 3.35
C GLY A 1 -4.83 -1.27 2.16
N LEU A 2 -4.44 -0.75 0.99
CA LEU A 2 -5.21 -0.98 -0.23
C LEU A 2 -4.27 -1.30 -1.40
N PRO A 3 -4.64 -2.28 -2.24
CA PRO A 3 -3.82 -2.69 -3.39
C PRO A 3 -3.32 -1.50 -4.20
N ILE A 4 -4.09 -0.42 -4.18
CA ILE A 4 -3.72 0.78 -4.92
C ILE A 4 -2.67 1.60 -4.16
N GLY A 5 -1.87 2.37 -4.89
CA GLY A 5 -0.84 3.17 -4.26
C GLY A 5 0.47 3.14 -5.02
N TRP A 6 1.54 2.76 -4.35
CA TRP A 6 2.87 2.69 -4.96
C TRP A 6 3.50 1.33 -4.76
N TRP A 7 3.43 0.81 -3.54
CA TRP A 7 4.02 -0.48 -3.21
C TRP A 7 3.21 -1.21 -2.16
N ILE A 8 3.66 -2.40 -1.80
CA ILE A 8 2.98 -3.21 -0.80
C ILE A 8 2.87 -2.47 0.53
N GLU A 9 1.92 -2.90 1.36
CA GLU A 9 1.70 -2.29 2.67
C GLU A 9 2.32 -3.13 3.77
N ARG A 10 2.25 -2.64 5.00
CA ARG A 10 2.80 -3.34 6.15
C ARG A 10 1.78 -4.29 6.78
N PRO A 11 0.55 -3.79 7.05
CA PRO A 11 -0.51 -4.60 7.66
C PRO A 11 -1.22 -5.47 6.64
N SER A 12 -1.43 -4.94 5.44
CA SER A 12 -2.11 -5.67 4.38
C SER A 12 -2.29 -4.80 3.14
N GLY A 13 -2.29 -5.43 1.97
CA GLY A 13 -2.47 -4.70 0.72
C GLY A 13 -1.24 -3.88 0.36
N TRP A 14 -1.48 -2.72 -0.26
CA TRP A 14 -0.39 -1.83 -0.67
C TRP A 14 -0.50 -0.49 0.06
N TYR A 15 0.44 0.42 -0.22
CA TYR A 15 0.43 1.73 0.41
C TYR A 15 0.61 2.85 -0.62
N PHE A 16 0.28 4.07 -0.22
CA PHE A 16 0.40 5.22 -1.11
C PHE A 16 1.77 5.87 -0.97
N PRO A 17 2.32 6.41 -2.07
CA PRO A 17 3.64 7.07 -2.07
C PRO A 17 3.57 8.48 -1.50
N ILE A 18 4.68 9.20 -1.60
CA ILE A 18 4.75 10.57 -1.09
C ILE A 18 4.72 11.58 -2.24
N GLY A 1 -2.69 -1.26 3.04
CA GLY A 1 -4.11 -1.32 3.36
C GLY A 1 -4.97 -1.44 2.12
N LEU A 2 -4.49 -0.90 1.00
CA LEU A 2 -5.22 -0.95 -0.25
C LEU A 2 -4.29 -1.29 -1.41
N PRO A 3 -4.62 -2.34 -2.20
CA PRO A 3 -3.80 -2.75 -3.34
C PRO A 3 -3.34 -1.58 -4.20
N ILE A 4 -4.16 -0.53 -4.24
CA ILE A 4 -3.83 0.66 -5.02
C ILE A 4 -2.85 1.55 -4.28
N GLY A 5 -2.03 2.27 -5.03
CA GLY A 5 -1.05 3.16 -4.42
C GLY A 5 0.28 3.15 -5.16
N TRP A 6 1.34 2.72 -4.49
CA TRP A 6 2.66 2.68 -5.11
C TRP A 6 3.35 1.34 -4.85
N TRP A 7 3.28 0.87 -3.61
CA TRP A 7 3.91 -0.40 -3.24
C TRP A 7 3.11 -1.12 -2.16
N ILE A 8 3.60 -2.29 -1.77
CA ILE A 8 2.94 -3.09 -0.74
C ILE A 8 2.79 -2.31 0.56
N GLU A 9 1.85 -2.77 1.39
CA GLU A 9 1.60 -2.12 2.68
C GLU A 9 2.29 -2.88 3.81
N ARG A 10 2.12 -2.37 5.02
CA ARG A 10 2.72 -2.98 6.21
C ARG A 10 1.79 -4.02 6.83
N PRO A 11 0.51 -3.68 7.03
CA PRO A 11 -0.47 -4.59 7.62
C PRO A 11 -1.06 -5.55 6.61
N SER A 12 -1.41 -5.03 5.44
CA SER A 12 -1.98 -5.84 4.36
C SER A 12 -2.29 -4.97 3.15
N GLY A 13 -2.07 -5.54 1.97
CA GLY A 13 -2.33 -4.80 0.74
C GLY A 13 -1.16 -3.93 0.32
N TRP A 14 -1.47 -2.76 -0.23
CA TRP A 14 -0.45 -1.82 -0.67
C TRP A 14 -0.60 -0.47 0.04
N TYR A 15 0.30 0.46 -0.27
CA TYR A 15 0.25 1.79 0.35
C TYR A 15 0.54 2.87 -0.68
N PHE A 16 0.56 4.13 -0.23
CA PHE A 16 0.84 5.25 -1.11
C PHE A 16 2.24 5.79 -0.91
N PRO A 17 2.77 6.55 -1.88
CA PRO A 17 4.11 7.13 -1.82
C PRO A 17 4.18 8.34 -0.89
N ILE A 18 5.25 9.10 -0.99
CA ILE A 18 5.43 10.29 -0.16
C ILE A 18 4.63 11.47 -0.72
N GLY A 1 -2.51 -0.90 2.97
CA GLY A 1 -3.90 -0.89 3.36
C GLY A 1 -4.84 -1.11 2.19
N LEU A 2 -4.37 -0.80 0.99
CA LEU A 2 -5.17 -0.97 -0.22
C LEU A 2 -4.29 -1.38 -1.41
N PRO A 3 -4.76 -2.34 -2.24
CA PRO A 3 -4.00 -2.81 -3.40
C PRO A 3 -3.47 -1.65 -4.25
N ILE A 4 -4.17 -0.53 -4.21
CA ILE A 4 -3.78 0.65 -4.97
C ILE A 4 -2.78 1.49 -4.19
N GLY A 5 -1.94 2.22 -4.91
CA GLY A 5 -0.95 3.06 -4.28
C GLY A 5 0.37 3.10 -5.04
N TRP A 6 1.42 2.61 -4.42
CA TRP A 6 2.74 2.59 -5.05
C TRP A 6 3.41 1.22 -4.88
N TRP A 7 3.38 0.71 -3.65
CA TRP A 7 4.00 -0.58 -3.36
C TRP A 7 3.27 -1.29 -2.22
N ILE A 8 3.70 -2.50 -1.91
CA ILE A 8 3.09 -3.29 -0.85
C ILE A 8 2.93 -2.47 0.43
N GLU A 9 2.03 -2.93 1.30
CA GLU A 9 1.79 -2.24 2.57
C GLU A 9 2.40 -3.02 3.73
N ARG A 10 2.26 -2.48 4.93
CA ARG A 10 2.81 -3.12 6.13
C ARG A 10 1.79 -4.07 6.75
N PRO A 11 0.55 -3.61 6.99
CA PRO A 11 -0.49 -4.43 7.59
C PRO A 11 -1.18 -5.34 6.58
N SER A 12 -1.57 -4.75 5.45
CA SER A 12 -2.24 -5.50 4.39
C SER A 12 -2.29 -4.69 3.10
N GLY A 13 -2.42 -5.39 1.98
CA GLY A 13 -2.48 -4.72 0.69
C GLY A 13 -1.25 -3.89 0.39
N TRP A 14 -1.43 -2.82 -0.37
CA TRP A 14 -0.33 -1.93 -0.73
C TRP A 14 -0.46 -0.59 -0.02
N TYR A 15 0.50 0.31 -0.25
CA TYR A 15 0.48 1.63 0.38
C TYR A 15 0.72 2.73 -0.66
N PHE A 16 0.47 3.97 -0.26
CA PHE A 16 0.65 5.11 -1.15
C PHE A 16 1.94 5.86 -0.81
N PRO A 17 2.44 6.71 -1.73
CA PRO A 17 3.66 7.48 -1.52
C PRO A 17 3.50 8.54 -0.44
N ILE A 18 3.76 8.16 0.81
CA ILE A 18 3.65 9.08 1.93
C ILE A 18 5.02 9.50 2.45
N GLY A 1 -2.58 -1.22 2.99
CA GLY A 1 -3.99 -1.28 3.33
C GLY A 1 -4.86 -1.63 2.14
N LEU A 2 -4.51 -1.09 0.98
CA LEU A 2 -5.26 -1.35 -0.24
C LEU A 2 -4.32 -1.56 -1.43
N PRO A 3 -4.69 -2.44 -2.37
CA PRO A 3 -3.88 -2.73 -3.55
C PRO A 3 -3.45 -1.46 -4.28
N ILE A 4 -4.22 -0.40 -4.12
CA ILE A 4 -3.92 0.88 -4.76
C ILE A 4 -2.84 1.63 -4.00
N GLY A 5 -2.12 2.49 -4.71
CA GLY A 5 -1.05 3.25 -4.08
C GLY A 5 0.22 3.28 -4.90
N TRP A 6 1.31 2.81 -4.31
CA TRP A 6 2.60 2.78 -5.00
C TRP A 6 3.30 1.43 -4.81
N TRP A 7 3.30 0.94 -3.57
CA TRP A 7 3.94 -0.33 -3.26
C TRP A 7 3.20 -1.06 -2.15
N ILE A 8 3.72 -2.23 -1.78
CA ILE A 8 3.11 -3.05 -0.73
C ILE A 8 2.91 -2.26 0.55
N GLU A 9 2.00 -2.74 1.40
CA GLU A 9 1.69 -2.09 2.67
C GLU A 9 2.29 -2.87 3.83
N ARG A 10 2.11 -2.34 5.03
CA ARG A 10 2.63 -2.98 6.24
C ARG A 10 1.62 -3.95 6.85
N PRO A 11 0.33 -3.56 6.98
CA PRO A 11 -0.69 -4.42 7.56
C PRO A 11 -1.24 -5.44 6.56
N SER A 12 -1.59 -4.96 5.38
CA SER A 12 -2.13 -5.83 4.34
C SER A 12 -2.43 -5.04 3.08
N GLY A 13 -1.93 -5.52 1.94
CA GLY A 13 -2.16 -4.84 0.68
C GLY A 13 -1.01 -3.94 0.30
N TRP A 14 -1.33 -2.78 -0.27
CA TRP A 14 -0.32 -1.82 -0.69
C TRP A 14 -0.50 -0.49 0.02
N TYR A 15 0.43 0.43 -0.19
CA TYR A 15 0.37 1.75 0.44
C TYR A 15 0.62 2.84 -0.60
N PHE A 16 0.53 4.10 -0.16
CA PHE A 16 0.75 5.23 -1.05
C PHE A 16 2.22 5.64 -1.09
N PRO A 17 2.64 6.37 -2.13
CA PRO A 17 4.03 6.83 -2.28
C PRO A 17 4.37 7.96 -1.33
N ILE A 18 4.57 7.62 -0.06
CA ILE A 18 4.91 8.61 0.96
C ILE A 18 6.39 8.53 1.33
N GLY A 1 -2.47 -0.89 2.97
CA GLY A 1 -3.88 -0.85 3.33
C GLY A 1 -4.79 -1.17 2.15
N LEU A 2 -4.38 -0.75 0.97
CA LEU A 2 -5.18 -0.99 -0.25
C LEU A 2 -4.27 -1.35 -1.42
N PRO A 3 -4.72 -2.28 -2.28
CA PRO A 3 -3.94 -2.71 -3.46
C PRO A 3 -3.39 -1.54 -4.26
N ILE A 4 -4.09 -0.41 -4.20
CA ILE A 4 -3.68 0.78 -4.91
C ILE A 4 -2.63 1.56 -4.12
N GLY A 5 -1.89 2.42 -4.80
CA GLY A 5 -0.86 3.20 -4.14
C GLY A 5 0.46 3.20 -4.88
N TRP A 6 1.52 2.73 -4.21
CA TRP A 6 2.84 2.69 -4.81
C TRP A 6 3.47 1.30 -4.67
N TRP A 7 3.46 0.77 -3.46
CA TRP A 7 4.04 -0.55 -3.20
C TRP A 7 3.30 -1.27 -2.07
N ILE A 8 3.69 -2.52 -1.83
CA ILE A 8 3.06 -3.33 -0.78
C ILE A 8 2.97 -2.57 0.53
N GLU A 9 2.01 -2.97 1.36
CA GLU A 9 1.79 -2.34 2.66
C GLU A 9 2.39 -3.16 3.78
N ARG A 10 2.28 -2.65 5.00
CA ARG A 10 2.81 -3.33 6.17
C ARG A 10 1.78 -4.28 6.78
N PRO A 11 0.54 -3.79 7.03
CA PRO A 11 -0.52 -4.60 7.61
C PRO A 11 -1.24 -5.46 6.57
N SER A 12 -1.47 -4.88 5.40
CA SER A 12 -2.15 -5.59 4.31
C SER A 12 -2.23 -4.73 3.06
N GLY A 13 -2.39 -5.37 1.92
CA GLY A 13 -2.48 -4.65 0.65
C GLY A 13 -1.24 -3.82 0.37
N TRP A 14 -1.43 -2.70 -0.32
CA TRP A 14 -0.32 -1.81 -0.66
C TRP A 14 -0.49 -0.45 0.03
N TYR A 15 0.50 0.43 -0.12
CA TYR A 15 0.44 1.75 0.49
C TYR A 15 0.57 2.84 -0.57
N PHE A 16 0.25 4.07 -0.20
CA PHE A 16 0.33 5.20 -1.12
C PHE A 16 1.71 5.86 -1.04
N PRO A 17 2.19 6.41 -2.17
CA PRO A 17 3.50 7.08 -2.23
C PRO A 17 3.49 8.44 -1.53
N ILE A 18 3.43 8.40 -0.20
CA ILE A 18 3.41 9.62 0.60
C ILE A 18 4.16 9.43 1.92
N GLY A 1 -2.32 -0.94 2.87
CA GLY A 1 -3.74 -0.80 3.13
C GLY A 1 -4.61 -1.33 2.01
N LEU A 2 -4.47 -0.74 0.83
CA LEU A 2 -5.24 -1.18 -0.33
C LEU A 2 -4.33 -1.44 -1.52
N PRO A 3 -4.66 -2.44 -2.36
CA PRO A 3 -3.87 -2.79 -3.53
C PRO A 3 -3.41 -1.57 -4.33
N ILE A 4 -4.20 -0.51 -4.26
CA ILE A 4 -3.86 0.73 -4.97
C ILE A 4 -2.82 1.53 -4.21
N GLY A 5 -2.03 2.30 -4.92
CA GLY A 5 -1.00 3.11 -4.30
C GLY A 5 0.34 3.01 -5.01
N TRP A 6 1.36 2.56 -4.29
CA TRP A 6 2.70 2.42 -4.86
C TRP A 6 3.20 0.98 -4.77
N TRP A 7 3.39 0.50 -3.55
CA TRP A 7 3.88 -0.85 -3.33
C TRP A 7 3.18 -1.52 -2.14
N ILE A 8 3.51 -2.77 -1.90
CA ILE A 8 2.91 -3.52 -0.80
C ILE A 8 2.89 -2.71 0.48
N GLU A 9 1.97 -3.06 1.38
CA GLU A 9 1.82 -2.37 2.64
C GLU A 9 2.41 -3.18 3.78
N ARG A 10 2.32 -2.62 4.99
CA ARG A 10 2.84 -3.29 6.18
C ARG A 10 1.78 -4.19 6.82
N PRO A 11 0.56 -3.68 7.03
CA PRO A 11 -0.53 -4.45 7.63
C PRO A 11 -1.24 -5.34 6.62
N SER A 12 -1.46 -4.81 5.43
CA SER A 12 -2.13 -5.55 4.36
C SER A 12 -2.35 -4.67 3.14
N GLY A 13 -2.24 -5.28 1.95
CA GLY A 13 -2.44 -4.54 0.72
C GLY A 13 -1.20 -3.76 0.30
N TRP A 14 -1.42 -2.57 -0.24
CA TRP A 14 -0.33 -1.71 -0.70
C TRP A 14 -0.41 -0.34 0.00
N TYR A 15 0.64 0.46 -0.13
CA TYR A 15 0.66 1.79 0.49
C TYR A 15 0.69 2.88 -0.58
N PHE A 16 0.66 4.13 -0.14
CA PHE A 16 0.70 5.27 -1.05
C PHE A 16 1.92 6.15 -0.77
N PRO A 17 2.41 6.86 -1.80
CA PRO A 17 3.58 7.75 -1.66
C PRO A 17 3.24 9.04 -0.94
N ILE A 18 2.75 8.93 0.30
CA ILE A 18 2.38 10.10 1.08
C ILE A 18 3.39 10.33 2.20
N GLY A 1 -2.73 -1.36 3.15
CA GLY A 1 -4.14 -1.43 3.49
C GLY A 1 -5.01 -1.74 2.29
N LEU A 2 -4.71 -1.09 1.16
CA LEU A 2 -5.47 -1.31 -0.06
C LEU A 2 -4.53 -1.56 -1.23
N PRO A 3 -4.90 -2.46 -2.16
CA PRO A 3 -4.08 -2.80 -3.33
C PRO A 3 -3.96 -1.63 -4.31
N ILE A 4 -3.42 -0.52 -3.83
CA ILE A 4 -3.25 0.67 -4.66
C ILE A 4 -2.22 1.61 -4.05
N GLY A 5 -1.78 2.59 -4.84
CA GLY A 5 -0.79 3.54 -4.36
C GLY A 5 0.50 3.47 -5.13
N TRP A 6 1.50 2.77 -4.58
CA TRP A 6 2.79 2.64 -5.24
C TRP A 6 3.47 1.31 -4.90
N TRP A 7 3.35 0.89 -3.64
CA TRP A 7 3.98 -0.37 -3.21
C TRP A 7 3.12 -1.08 -2.18
N ILE A 8 3.59 -2.25 -1.75
CA ILE A 8 2.89 -3.06 -0.77
C ILE A 8 2.75 -2.32 0.56
N GLU A 9 1.78 -2.74 1.36
CA GLU A 9 1.53 -2.13 2.67
C GLU A 9 2.23 -2.92 3.77
N ARG A 10 2.13 -2.42 5.00
CA ARG A 10 2.75 -3.06 6.14
C ARG A 10 1.80 -4.08 6.79
N PRO A 11 0.51 -3.71 7.01
CA PRO A 11 -0.46 -4.61 7.62
C PRO A 11 -1.07 -5.57 6.62
N SER A 12 -1.43 -5.06 5.45
CA SER A 12 -2.02 -5.87 4.39
C SER A 12 -2.41 -5.02 3.20
N GLY A 13 -2.04 -5.48 2.01
CA GLY A 13 -2.35 -4.74 0.79
C GLY A 13 -1.20 -3.89 0.31
N TRP A 14 -1.52 -2.70 -0.20
CA TRP A 14 -0.50 -1.79 -0.70
C TRP A 14 -0.62 -0.42 -0.03
N TYR A 15 0.21 0.53 -0.43
CA TYR A 15 0.18 1.88 0.13
C TYR A 15 0.58 2.92 -0.91
N PHE A 16 0.41 4.18 -0.55
CA PHE A 16 0.76 5.29 -1.45
C PHE A 16 2.15 5.83 -1.13
N PRO A 17 2.76 6.57 -2.07
CA PRO A 17 4.09 7.15 -1.87
C PRO A 17 4.07 8.33 -0.93
N ILE A 18 5.20 8.59 -0.28
CA ILE A 18 5.32 9.70 0.66
C ILE A 18 6.53 10.57 0.34
N GLY A 1 -2.44 -0.97 2.93
CA GLY A 1 -3.86 -0.85 3.21
C GLY A 1 -4.72 -1.16 2.00
N LEU A 2 -4.43 -0.51 0.88
CA LEU A 2 -5.20 -0.74 -0.35
C LEU A 2 -4.26 -1.12 -1.49
N PRO A 3 -4.57 -2.19 -2.24
CA PRO A 3 -3.75 -2.66 -3.36
C PRO A 3 -3.24 -1.51 -4.24
N ILE A 4 -4.04 -0.45 -4.32
CA ILE A 4 -3.67 0.71 -5.12
C ILE A 4 -2.75 1.63 -4.34
N GLY A 5 -1.87 2.34 -5.05
CA GLY A 5 -0.96 3.25 -4.40
C GLY A 5 0.42 3.24 -5.04
N TRP A 6 1.40 2.71 -4.31
CA TRP A 6 2.77 2.65 -4.80
C TRP A 6 3.39 1.28 -4.57
N TRP A 7 3.47 0.86 -3.30
CA TRP A 7 4.05 -0.43 -2.97
C TRP A 7 3.21 -1.18 -1.94
N ILE A 8 3.65 -2.38 -1.59
CA ILE A 8 2.94 -3.20 -0.62
C ILE A 8 2.94 -2.57 0.76
N GLU A 9 1.92 -2.90 1.55
CA GLU A 9 1.77 -2.37 2.90
C GLU A 9 2.40 -3.31 3.92
N ARG A 10 2.32 -2.91 5.19
CA ARG A 10 2.88 -3.70 6.27
C ARG A 10 1.86 -4.70 6.82
N PRO A 11 0.65 -4.22 7.18
CA PRO A 11 -0.40 -5.09 7.71
C PRO A 11 -1.11 -5.89 6.62
N SER A 12 -1.38 -5.23 5.50
CA SER A 12 -2.05 -5.88 4.38
C SER A 12 -2.33 -4.88 3.27
N GLY A 13 -2.26 -5.35 2.02
CA GLY A 13 -2.51 -4.48 0.88
C GLY A 13 -1.30 -3.69 0.47
N TRP A 14 -1.54 -2.52 -0.13
CA TRP A 14 -0.46 -1.64 -0.58
C TRP A 14 -0.60 -0.26 0.05
N TYR A 15 0.40 0.60 -0.17
CA TYR A 15 0.36 1.95 0.38
C TYR A 15 0.55 2.99 -0.71
N PHE A 16 0.23 4.24 -0.40
CA PHE A 16 0.36 5.32 -1.38
C PHE A 16 1.75 5.96 -1.29
N PRO A 17 2.23 6.52 -2.42
CA PRO A 17 3.55 7.15 -2.47
C PRO A 17 3.56 8.55 -1.85
N ILE A 18 4.74 9.03 -1.50
CA ILE A 18 4.88 10.35 -0.90
C ILE A 18 5.96 11.16 -1.63
N GLY A 1 -2.46 -0.97 3.02
CA GLY A 1 -3.86 -0.89 3.37
C GLY A 1 -4.77 -1.21 2.20
N LEU A 2 -4.42 -0.70 1.01
CA LEU A 2 -5.21 -0.93 -0.19
C LEU A 2 -4.30 -1.30 -1.37
N PRO A 3 -4.63 -2.39 -2.09
CA PRO A 3 -3.83 -2.84 -3.24
C PRO A 3 -3.36 -1.71 -4.15
N ILE A 4 -4.14 -0.63 -4.19
CA ILE A 4 -3.79 0.51 -5.01
C ILE A 4 -2.74 1.38 -4.32
N GLY A 5 -1.91 2.04 -5.11
CA GLY A 5 -0.87 2.89 -4.55
C GLY A 5 0.43 2.81 -5.32
N TRP A 6 1.54 2.64 -4.61
CA TRP A 6 2.85 2.55 -5.24
C TRP A 6 3.52 1.21 -4.97
N TRP A 7 3.39 0.73 -3.74
CA TRP A 7 4.01 -0.54 -3.35
C TRP A 7 3.19 -1.25 -2.28
N ILE A 8 3.62 -2.45 -1.92
CA ILE A 8 2.92 -3.24 -0.90
C ILE A 8 2.86 -2.50 0.43
N GLU A 9 1.91 -2.89 1.27
CA GLU A 9 1.74 -2.27 2.58
C GLU A 9 2.35 -3.13 3.67
N ARG A 10 2.31 -2.62 4.90
CA ARG A 10 2.86 -3.33 6.05
C ARG A 10 1.81 -4.24 6.70
N PRO A 11 0.60 -3.72 6.97
CA PRO A 11 -0.46 -4.51 7.59
C PRO A 11 -1.19 -5.41 6.59
N SER A 12 -1.63 -4.81 5.49
CA SER A 12 -2.34 -5.55 4.45
C SER A 12 -2.52 -4.69 3.20
N GLY A 13 -2.37 -5.33 2.04
CA GLY A 13 -2.53 -4.62 0.78
C GLY A 13 -1.29 -3.83 0.39
N TRP A 14 -1.49 -2.69 -0.25
CA TRP A 14 -0.40 -1.83 -0.68
C TRP A 14 -0.44 -0.49 0.06
N TYR A 15 0.50 0.40 -0.25
CA TYR A 15 0.55 1.71 0.40
C TYR A 15 0.65 2.84 -0.62
N PHE A 16 0.57 4.07 -0.13
CA PHE A 16 0.67 5.25 -0.98
C PHE A 16 1.81 6.16 -0.55
N PRO A 17 2.59 6.69 -1.51
CA PRO A 17 3.72 7.57 -1.20
C PRO A 17 3.27 9.01 -0.93
N ILE A 18 4.04 9.71 -0.10
CA ILE A 18 3.72 11.09 0.24
C ILE A 18 4.95 11.98 0.11
#